data_8Z7Z
#
_entry.id   8Z7Z
#
_cell.length_a   1.00
_cell.length_b   1.00
_cell.length_c   1.00
_cell.angle_alpha   90.00
_cell.angle_beta   90.00
_cell.angle_gamma   90.00
#
_symmetry.space_group_name_H-M   'P 1'
#
loop_
_entity.id
_entity.type
_entity.pdbx_description
1 polymer 'Thiamine transporter 1'
2 non-polymer 3-(4-AMINO-2-METHYL-PYRIMIDIN-5-YLMETHYL)-5-(2-HYDROXY-ETHYL)-4-METHYL-THIAZOL-3-IUM
#
_entity_poly.entity_id   1
_entity_poly.type   'polypeptide(L)'
_entity_poly.pdbx_seq_one_letter_code
;MDVPGPVSRRAAAAAATVLLRTARVRRECWFLPTALLCAYGFFASLRPSEPFLTPYLLGPDKNLTEREVFNEIYPVWTYS
YLVLLFPVFLATDYLRYKPVVLLQGLSLIVTWFMLLYAQGLLAIQFLEFFYGIATATEIAYYSYIYSVVDLGMYQKVTSY
CRSATLVGFTVGSVLGQILVSVAGWSLFSLNVISLTCVSVAFAVAWFLPMPQKSLFFHHIPSTCQRVNGIKVQNGGIVTD
TPASNHLPGWEDIESKIPLNMEEPPVEEPEPKPDRLLVLKVLWNDFLMCYSSRPLLCWSVWWALSTCGYFQVVNYTQGLW
EKVMPSRYAAIYNGGVEAVSTLLGAVAVFAVGYIKISWSTWGEMTLSLFSLLIAAAVYIMDTVGNIWVCYASYVVFRIIY
MLLITIATFQIAANLSMERYALVFGVNTFIALALQTLLTLIVVDASGLGLEITTQFLIYASYFALIAVVFLASGAVSVMK
KCRKLEDPQSSSQVTTS
;
_entity_poly.pdbx_strand_id   A
#
# COMPACT_ATOMS: atom_id res chain seq x y z
N PHE A 31 -1.26 -26.17 14.92
CA PHE A 31 -1.24 -25.02 14.02
C PHE A 31 -0.18 -24.02 14.44
N LEU A 32 0.87 -24.51 15.10
CA LEU A 32 1.92 -23.63 15.62
C LEU A 32 2.67 -22.87 14.52
N PRO A 33 3.17 -23.49 13.44
CA PRO A 33 3.93 -22.72 12.45
C PRO A 33 3.12 -21.61 11.78
N THR A 34 1.84 -21.84 11.53
CA THR A 34 0.99 -20.82 10.94
C THR A 34 0.57 -19.76 11.96
N ALA A 35 0.29 -20.18 13.19
CA ALA A 35 -0.09 -19.22 14.23
C ALA A 35 1.06 -18.27 14.55
N LEU A 36 2.29 -18.79 14.58
CA LEU A 36 3.44 -17.92 14.84
C LEU A 36 3.62 -16.93 13.69
N LEU A 37 3.43 -17.37 12.45
CA LEU A 37 3.57 -16.48 11.31
C LEU A 37 2.51 -15.40 11.31
N CYS A 38 1.26 -15.76 11.65
CA CYS A 38 0.21 -14.75 11.70
C CYS A 38 0.39 -13.82 12.88
N ALA A 39 0.97 -14.30 13.99
CA ALA A 39 1.32 -13.41 15.08
C ALA A 39 2.41 -12.42 14.67
N TYR A 40 3.39 -12.89 13.90
CA TYR A 40 4.40 -11.96 13.38
C TYR A 40 3.78 -10.94 12.45
N GLY A 41 2.86 -11.36 11.57
CA GLY A 41 2.19 -10.42 10.70
C GLY A 41 1.36 -9.41 11.48
N PHE A 42 0.65 -9.88 12.51
CA PHE A 42 -0.15 -9.02 13.36
C PHE A 42 0.72 -7.98 14.06
N PHE A 43 1.88 -8.40 14.57
CA PHE A 43 2.73 -7.47 15.32
C PHE A 43 3.48 -6.52 14.39
N ALA A 44 3.96 -7.01 13.24
CA ALA A 44 4.66 -6.14 12.30
C ALA A 44 3.72 -5.11 11.69
N SER A 45 2.48 -5.52 11.41
CA SER A 45 1.51 -4.60 10.84
C SER A 45 0.88 -3.68 11.87
N LEU A 46 1.04 -3.98 13.17
CA LEU A 46 0.41 -3.17 14.22
C LEU A 46 1.28 -1.94 14.43
N ARG A 47 1.07 -0.94 13.58
CA ARG A 47 1.77 0.33 13.70
C ARG A 47 0.75 1.42 14.00
N PRO A 48 0.56 1.79 15.27
CA PRO A 48 -0.43 2.82 15.60
C PRO A 48 -0.02 4.23 15.20
N SER A 49 1.15 4.42 14.61
CA SER A 49 1.63 5.77 14.32
C SER A 49 1.56 6.15 12.85
N GLU A 50 1.37 5.19 11.94
CA GLU A 50 1.08 5.54 10.56
C GLU A 50 -0.18 6.40 10.44
N PRO A 51 -1.30 6.11 11.17
CA PRO A 51 -2.39 7.08 11.24
C PRO A 51 -1.94 8.48 11.64
N PHE A 52 -1.33 8.59 12.82
CA PHE A 52 -0.91 9.88 13.36
C PHE A 52 0.57 10.09 13.07
N LEU A 53 0.87 10.39 11.80
CA LEU A 53 2.24 10.58 11.36
C LEU A 53 2.59 12.01 10.99
N THR A 54 1.87 12.62 10.06
CA THR A 54 2.11 13.99 9.63
C THR A 54 1.97 15.00 10.78
N PRO A 55 0.94 14.92 11.63
CA PRO A 55 0.92 15.84 12.79
C PRO A 55 2.13 15.69 13.69
N TYR A 56 2.69 14.50 13.82
CA TYR A 56 3.93 14.33 14.57
C TYR A 56 5.11 14.94 13.83
N LEU A 57 5.22 14.66 12.53
CA LEU A 57 6.38 15.10 11.75
C LEU A 57 6.44 16.62 11.66
N LEU A 58 5.29 17.26 11.53
CA LEU A 58 5.22 18.72 11.43
C LEU A 58 4.98 19.39 12.78
N GLY A 59 4.93 18.63 13.88
CA GLY A 59 4.68 19.20 15.17
C GLY A 59 5.93 19.78 15.81
N PRO A 60 5.82 20.17 17.08
CA PRO A 60 7.01 20.70 17.79
C PRO A 60 8.13 19.68 17.95
N ASP A 61 7.84 18.39 17.78
CA ASP A 61 8.85 17.36 18.01
C ASP A 61 10.01 17.47 17.02
N LYS A 62 9.72 17.76 15.76
CA LYS A 62 10.75 17.88 14.75
C LYS A 62 10.80 19.23 14.04
N ASN A 63 9.71 20.00 14.05
CA ASN A 63 9.67 21.35 13.47
C ASN A 63 10.06 21.33 11.99
N LEU A 64 9.30 20.58 11.20
CA LEU A 64 9.49 20.49 9.76
C LEU A 64 8.30 21.13 9.06
N THR A 65 8.57 22.06 8.15
CA THR A 65 7.52 22.76 7.44
C THR A 65 6.90 21.84 6.38
N GLU A 66 5.63 22.10 6.06
CA GLU A 66 4.90 21.25 5.12
C GLU A 66 5.59 21.19 3.77
N ARG A 67 6.14 22.32 3.30
CA ARG A 67 6.91 22.34 2.07
C ARG A 67 8.03 21.29 2.12
N GLU A 68 8.84 21.34 3.18
CA GLU A 68 9.98 20.44 3.31
C GLU A 68 9.53 18.99 3.32
N VAL A 69 8.57 18.65 4.17
CA VAL A 69 8.11 17.27 4.30
C VAL A 69 7.55 16.77 2.98
N PHE A 70 6.44 17.40 2.53
CA PHE A 70 5.71 16.89 1.38
C PHE A 70 6.47 17.01 0.07
N ASN A 71 7.58 17.75 0.02
CA ASN A 71 8.33 17.79 -1.22
C ASN A 71 9.65 17.02 -1.19
N GLU A 72 10.20 16.73 -0.02
CA GLU A 72 11.46 15.98 -0.06
C GLU A 72 11.44 14.72 0.79
N ILE A 73 10.74 14.72 1.92
CA ILE A 73 10.79 13.58 2.83
C ILE A 73 9.99 12.42 2.25
N TYR A 74 8.70 12.64 1.99
CA TYR A 74 7.80 11.60 1.52
C TYR A 74 8.21 10.97 0.19
N PRO A 75 8.58 11.74 -0.85
CA PRO A 75 8.93 11.09 -2.12
C PRO A 75 10.12 10.16 -2.04
N VAL A 76 11.00 10.33 -1.04
CA VAL A 76 12.12 9.41 -0.87
C VAL A 76 11.62 8.01 -0.53
N TRP A 77 10.46 7.90 0.14
CA TRP A 77 9.87 6.60 0.35
C TRP A 77 9.58 5.91 -0.98
N THR A 78 8.96 6.62 -1.92
CA THR A 78 8.67 6.04 -3.22
C THR A 78 9.94 5.71 -3.98
N TYR A 79 10.93 6.61 -3.94
CA TYR A 79 12.18 6.36 -4.66
C TYR A 79 12.89 5.13 -4.12
N SER A 80 12.99 5.03 -2.78
CA SER A 80 13.63 3.88 -2.16
C SER A 80 12.87 2.60 -2.45
N TYR A 81 11.54 2.64 -2.37
CA TYR A 81 10.74 1.45 -2.61
C TYR A 81 10.93 0.96 -4.05
N LEU A 82 10.93 1.89 -5.02
CA LEU A 82 11.19 1.51 -6.41
C LEU A 82 12.58 0.90 -6.55
N VAL A 83 13.61 1.60 -6.07
CA VAL A 83 14.97 1.19 -6.38
C VAL A 83 15.33 -0.10 -5.64
N LEU A 84 14.64 -0.37 -4.52
CA LEU A 84 14.96 -1.53 -3.71
C LEU A 84 14.04 -2.71 -3.93
N LEU A 85 12.95 -2.55 -4.68
CA LEU A 85 12.09 -3.71 -4.94
C LEU A 85 12.85 -4.80 -5.70
N PHE A 86 13.66 -4.42 -6.68
CA PHE A 86 14.39 -5.43 -7.46
C PHE A 86 15.42 -6.18 -6.61
N PRO A 87 16.34 -5.52 -5.90
CA PRO A 87 17.29 -6.30 -5.08
C PRO A 87 16.62 -7.10 -3.97
N VAL A 88 15.51 -6.59 -3.40
CA VAL A 88 14.77 -7.37 -2.42
C VAL A 88 14.22 -8.64 -3.06
N PHE A 89 13.67 -8.53 -4.27
CA PHE A 89 13.13 -9.70 -4.95
C PHE A 89 14.22 -10.72 -5.23
N LEU A 90 15.41 -10.26 -5.66
CA LEU A 90 16.50 -11.19 -5.90
C LEU A 90 17.00 -11.83 -4.61
N ALA A 91 17.18 -11.04 -3.56
CA ALA A 91 17.70 -11.57 -2.30
C ALA A 91 16.71 -12.51 -1.63
N THR A 92 15.42 -12.35 -1.91
CA THR A 92 14.42 -13.21 -1.30
C THR A 92 14.59 -14.66 -1.74
N ASP A 93 14.74 -14.88 -3.04
CA ASP A 93 15.00 -16.23 -3.54
C ASP A 93 16.44 -16.65 -3.32
N TYR A 94 17.38 -15.70 -3.33
CA TYR A 94 18.78 -16.06 -3.12
C TYR A 94 19.06 -16.54 -1.70
N LEU A 95 18.35 -15.98 -0.71
CA LEU A 95 18.59 -16.29 0.68
C LEU A 95 17.58 -17.27 1.26
N ARG A 96 16.79 -17.93 0.40
CA ARG A 96 15.79 -18.92 0.82
C ARG A 96 14.74 -18.30 1.73
N TYR A 97 14.41 -17.03 1.47
CA TYR A 97 13.20 -16.36 1.98
C TYR A 97 13.23 -16.07 3.48
N LYS A 98 14.20 -16.60 4.21
CA LYS A 98 14.18 -16.39 5.66
C LYS A 98 14.80 -15.05 6.11
N PRO A 99 16.02 -14.69 5.69
CA PRO A 99 16.65 -13.49 6.26
C PRO A 99 15.96 -12.19 5.86
N VAL A 100 15.18 -12.19 4.77
CA VAL A 100 14.49 -10.98 4.36
C VAL A 100 13.43 -10.57 5.38
N VAL A 101 12.84 -11.53 6.08
CA VAL A 101 11.87 -11.20 7.12
C VAL A 101 12.56 -10.46 8.26
N LEU A 102 13.72 -10.96 8.69
CA LEU A 102 14.48 -10.26 9.73
C LEU A 102 15.00 -8.92 9.24
N LEU A 103 15.30 -8.81 7.95
CA LEU A 103 15.67 -7.53 7.37
C LEU A 103 14.52 -6.53 7.49
N GLN A 104 13.30 -6.99 7.21
CA GLN A 104 12.11 -6.16 7.38
C GLN A 104 11.95 -5.74 8.83
N GLY A 105 12.11 -6.69 9.76
CA GLY A 105 11.98 -6.35 11.17
C GLY A 105 13.01 -5.34 11.63
N LEU A 106 14.27 -5.53 11.23
CA LEU A 106 15.33 -4.61 11.62
C LEU A 106 15.13 -3.23 11.00
N SER A 107 14.69 -3.19 9.73
CA SER A 107 14.43 -1.91 9.09
C SER A 107 13.29 -1.17 9.78
N LEU A 108 12.24 -1.90 10.17
CA LEU A 108 11.15 -1.27 10.92
C LEU A 108 11.64 -0.76 12.27
N ILE A 109 12.48 -1.54 12.96
CA ILE A 109 12.97 -1.13 14.26
C ILE A 109 13.80 0.15 14.15
N VAL A 110 14.72 0.19 13.18
CA VAL A 110 15.57 1.37 13.04
C VAL A 110 14.74 2.56 12.54
N THR A 111 13.73 2.30 11.72
CA THR A 111 12.83 3.36 11.28
C THR A 111 12.11 3.99 12.47
N TRP A 112 11.58 3.17 13.37
CA TRP A 112 10.80 3.70 14.47
C TRP A 112 11.69 4.26 15.57
N PHE A 113 12.97 3.87 15.60
CA PHE A 113 13.90 4.53 16.51
C PHE A 113 14.29 5.90 15.98
N MET A 114 14.65 5.98 14.70
CA MET A 114 15.01 7.26 14.09
C MET A 114 13.82 8.21 14.06
N LEU A 115 12.60 7.68 14.02
CA LEU A 115 11.43 8.54 14.09
C LEU A 115 11.23 9.08 15.51
N LEU A 116 11.74 8.38 16.52
CA LEU A 116 11.80 8.94 17.86
C LEU A 116 12.89 10.00 17.98
N TYR A 117 14.06 9.75 17.41
CA TYR A 117 15.22 10.63 17.61
C TYR A 117 15.92 10.90 16.28
N ALA A 118 15.50 11.98 15.61
CA ALA A 118 16.19 12.53 14.45
C ALA A 118 15.59 13.89 14.14
N GLN A 119 16.47 14.86 13.89
CA GLN A 119 16.06 16.20 13.50
C GLN A 119 16.57 16.50 12.10
N GLY A 120 16.36 17.72 11.64
CA GLY A 120 16.85 18.10 10.34
C GLY A 120 16.05 17.46 9.20
N LEU A 121 16.72 17.32 8.06
CA LEU A 121 16.10 16.81 6.85
C LEU A 121 16.76 15.53 6.35
N LEU A 122 18.08 15.47 6.33
CA LEU A 122 18.77 14.30 5.79
C LEU A 122 18.44 13.05 6.62
N ALA A 123 18.39 13.19 7.94
CA ALA A 123 18.07 12.05 8.79
C ALA A 123 16.68 11.51 8.47
N ILE A 124 15.70 12.39 8.27
CA ILE A 124 14.35 11.94 7.95
C ILE A 124 14.29 11.35 6.55
N GLN A 125 15.11 11.86 5.62
CA GLN A 125 15.18 11.24 4.29
C GLN A 125 15.71 9.82 4.38
N PHE A 126 16.76 9.60 5.17
CA PHE A 126 17.23 8.23 5.38
C PHE A 126 16.21 7.40 6.14
N LEU A 127 15.41 8.04 7.00
CA LEU A 127 14.31 7.34 7.67
C LEU A 127 13.30 6.82 6.67
N GLU A 128 12.93 7.64 5.68
CA GLU A 128 12.01 7.20 4.65
C GLU A 128 12.66 6.16 3.74
N PHE A 129 13.97 6.25 3.55
CA PHE A 129 14.70 5.19 2.86
C PHE A 129 14.57 3.87 3.61
N PHE A 130 14.68 3.91 4.94
CA PHE A 130 14.56 2.68 5.72
C PHE A 130 13.12 2.17 5.72
N TYR A 131 12.15 3.09 5.71
CA TYR A 131 10.77 2.68 5.55
C TYR A 131 10.54 2.01 4.21
N GLY A 132 11.22 2.51 3.17
CA GLY A 132 11.17 1.90 1.86
C GLY A 132 11.74 0.50 1.81
N ILE A 133 12.91 0.30 2.43
CA ILE A 133 13.48 -1.05 2.49
C ILE A 133 12.61 -1.96 3.35
N ALA A 134 11.88 -1.39 4.32
CA ALA A 134 10.95 -2.19 5.10
C ALA A 134 9.76 -2.64 4.24
N THR A 135 9.18 -1.70 3.48
CA THR A 135 7.98 -1.99 2.71
C THR A 135 8.27 -2.84 1.48
N ALA A 136 9.46 -2.71 0.90
CA ALA A 136 9.81 -3.49 -0.29
C ALA A 136 9.84 -4.99 -0.03
N THR A 137 9.96 -5.40 1.23
CA THR A 137 10.04 -6.80 1.61
C THR A 137 8.71 -7.40 1.98
N GLU A 138 7.60 -6.70 1.76
CA GLU A 138 6.28 -7.30 1.98
C GLU A 138 6.05 -8.44 1.01
N ILE A 139 6.50 -8.31 -0.23
CA ILE A 139 6.39 -9.40 -1.19
C ILE A 139 7.19 -10.60 -0.71
N ALA A 140 8.37 -10.34 -0.13
CA ALA A 140 9.17 -11.42 0.43
C ALA A 140 8.45 -12.09 1.59
N TYR A 141 7.82 -11.29 2.45
CA TYR A 141 7.08 -11.85 3.59
C TYR A 141 5.93 -12.73 3.13
N TYR A 142 5.20 -12.29 2.10
CA TYR A 142 4.07 -13.07 1.61
C TYR A 142 4.49 -14.26 0.76
N SER A 143 5.70 -14.24 0.20
CA SER A 143 6.23 -15.40 -0.50
C SER A 143 6.97 -16.36 0.43
N TYR A 144 7.27 -15.92 1.66
CA TYR A 144 7.82 -16.83 2.66
C TYR A 144 6.88 -17.98 2.94
N ILE A 145 5.58 -17.74 2.86
CA ILE A 145 4.59 -18.76 3.16
C ILE A 145 4.63 -19.88 2.12
N TYR A 146 4.88 -19.54 0.86
CA TYR A 146 4.79 -20.52 -0.23
C TYR A 146 5.78 -21.66 -0.06
N SER A 147 6.90 -21.45 0.62
CA SER A 147 7.94 -22.45 0.73
C SER A 147 8.00 -23.08 2.12
N VAL A 148 6.94 -22.95 2.93
CA VAL A 148 6.93 -23.54 4.26
C VAL A 148 5.62 -24.29 4.49
N VAL A 149 4.62 -24.07 3.64
CA VAL A 149 3.31 -24.68 3.81
C VAL A 149 3.03 -25.60 2.62
N ASP A 150 1.94 -26.35 2.74
CA ASP A 150 1.50 -27.23 1.66
C ASP A 150 0.92 -26.40 0.50
N LEU A 151 0.94 -27.01 -0.69
CA LEU A 151 0.42 -26.32 -1.87
C LEU A 151 -1.08 -26.10 -1.77
N GLY A 152 -1.82 -27.09 -1.27
CA GLY A 152 -3.27 -26.97 -1.22
C GLY A 152 -3.76 -25.92 -0.26
N MET A 153 -3.10 -25.75 0.87
CA MET A 153 -3.53 -24.81 1.91
C MET A 153 -2.89 -23.43 1.76
N TYR A 154 -2.12 -23.21 0.69
CA TYR A 154 -1.40 -21.94 0.54
C TYR A 154 -2.36 -20.77 0.44
N GLN A 155 -3.44 -20.92 -0.33
CA GLN A 155 -4.39 -19.82 -0.49
C GLN A 155 -5.05 -19.47 0.85
N LYS A 156 -5.47 -20.49 1.61
CA LYS A 156 -6.16 -20.21 2.85
C LYS A 156 -5.22 -19.61 3.90
N VAL A 157 -3.97 -20.08 3.95
CA VAL A 157 -3.05 -19.51 4.93
C VAL A 157 -2.64 -18.10 4.53
N THR A 158 -2.51 -17.83 3.23
CA THR A 158 -2.22 -16.48 2.78
C THR A 158 -3.36 -15.53 3.11
N SER A 159 -4.60 -15.98 2.93
CA SER A 159 -5.74 -15.16 3.32
C SER A 159 -5.77 -14.93 4.82
N TYR A 160 -5.42 -15.97 5.60
CA TYR A 160 -5.38 -15.82 7.05
C TYR A 160 -4.33 -14.79 7.46
N CYS A 161 -3.16 -14.81 6.83
CA CYS A 161 -2.11 -13.85 7.16
C CYS A 161 -2.47 -12.44 6.72
N ARG A 162 -3.13 -12.31 5.56
CA ARG A 162 -3.60 -11.00 5.13
C ARG A 162 -4.62 -10.43 6.11
N SER A 163 -5.55 -11.27 6.56
CA SER A 163 -6.50 -10.84 7.58
C SER A 163 -5.79 -10.51 8.88
N ALA A 164 -4.73 -11.23 9.22
CA ALA A 164 -3.96 -10.91 10.42
C ALA A 164 -3.34 -9.53 10.32
N THR A 165 -2.76 -9.20 9.15
CA THR A 165 -2.21 -7.86 8.96
C THR A 165 -3.31 -6.80 9.07
N LEU A 166 -4.47 -7.06 8.47
CA LEU A 166 -5.57 -6.11 8.55
C LEU A 166 -6.05 -5.91 9.99
N VAL A 167 -6.16 -7.00 10.75
CA VAL A 167 -6.55 -6.90 12.15
C VAL A 167 -5.50 -6.14 12.95
N GLY A 168 -4.23 -6.40 12.68
CA GLY A 168 -3.17 -5.68 13.36
C GLY A 168 -3.21 -4.19 13.11
N PHE A 169 -3.40 -3.80 11.85
CA PHE A 169 -3.46 -2.38 11.55
C PHE A 169 -4.71 -1.73 12.12
N THR A 170 -5.85 -2.43 12.10
CA THR A 170 -7.05 -1.90 12.72
C THR A 170 -6.90 -1.73 14.22
N VAL A 171 -6.28 -2.70 14.89
CA VAL A 171 -6.06 -2.63 16.33
C VAL A 171 -5.12 -1.47 16.66
N GLY A 172 -4.04 -1.33 15.91
CA GLY A 172 -3.14 -0.20 16.13
C GLY A 172 -3.83 1.13 15.90
N SER A 173 -4.66 1.21 14.86
CA SER A 173 -5.36 2.44 14.54
C SER A 173 -6.32 2.83 15.66
N VAL A 174 -7.13 1.88 16.13
CA VAL A 174 -8.08 2.20 17.20
C VAL A 174 -7.35 2.48 18.51
N LEU A 175 -6.22 1.79 18.77
CA LEU A 175 -5.44 2.07 19.97
C LEU A 175 -4.90 3.49 19.94
N GLY A 176 -4.33 3.90 18.80
CA GLY A 176 -3.84 5.26 18.68
C GLY A 176 -4.94 6.30 18.80
N GLN A 177 -6.09 6.02 18.19
CA GLN A 177 -7.22 6.95 18.29
C GLN A 177 -7.71 7.08 19.72
N ILE A 178 -7.81 5.97 20.45
CA ILE A 178 -8.28 6.02 21.83
C ILE A 178 -7.25 6.72 22.71
N LEU A 179 -5.96 6.49 22.46
CA LEU A 179 -4.92 7.09 23.29
C LEU A 179 -4.72 8.57 23.01
N VAL A 180 -5.04 9.04 21.81
CA VAL A 180 -4.84 10.45 21.48
C VAL A 180 -6.12 11.28 21.59
N SER A 181 -7.29 10.66 21.56
CA SER A 181 -8.54 11.41 21.58
C SER A 181 -8.95 11.77 23.01
N VAL A 182 -9.20 10.77 23.85
CA VAL A 182 -9.67 11.01 25.20
C VAL A 182 -8.58 10.82 26.25
N ALA A 183 -7.62 9.92 26.03
CA ALA A 183 -6.55 9.73 26.99
C ALA A 183 -5.56 10.89 27.00
N GLY A 184 -5.45 11.63 25.90
CA GLY A 184 -4.51 12.73 25.82
C GLY A 184 -3.06 12.30 25.88
N TRP A 185 -2.72 11.18 25.26
CA TRP A 185 -1.35 10.68 25.25
C TRP A 185 -0.60 11.32 24.09
N SER A 186 0.60 11.82 24.38
CA SER A 186 1.41 12.48 23.37
C SER A 186 1.85 11.49 22.29
N LEU A 187 2.14 12.01 21.11
CA LEU A 187 2.50 11.16 19.99
C LEU A 187 3.88 10.52 20.17
N PHE A 188 4.71 11.06 21.07
CA PHE A 188 6.00 10.44 21.35
C PHE A 188 5.83 9.08 22.02
N SER A 189 4.96 9.00 23.03
CA SER A 189 4.68 7.72 23.67
C SER A 189 4.01 6.75 22.70
N LEU A 190 3.14 7.26 21.82
CA LEU A 190 2.52 6.41 20.81
C LEU A 190 3.57 5.85 19.85
N ASN A 191 4.56 6.66 19.50
CA ASN A 191 5.67 6.18 18.69
C ASN A 191 6.49 5.13 19.45
N VAL A 192 6.64 5.31 20.76
CA VAL A 192 7.30 4.29 21.57
C VAL A 192 6.52 2.98 21.51
N ILE A 193 5.19 3.06 21.56
CA ILE A 193 4.37 1.86 21.43
C ILE A 193 4.57 1.21 20.06
N SER A 194 4.65 2.03 19.01
CA SER A 194 4.89 1.50 17.68
C SER A 194 6.23 0.77 17.61
N LEU A 195 7.28 1.37 18.19
CA LEU A 195 8.58 0.73 18.22
C LEU A 195 8.57 -0.55 19.04
N THR A 196 7.84 -0.55 20.16
CA THR A 196 7.71 -1.76 20.97
C THR A 196 7.06 -2.88 20.17
N CYS A 197 5.99 -2.55 19.45
CA CYS A 197 5.29 -3.57 18.67
C CYS A 197 6.15 -4.11 17.53
N VAL A 198 6.89 -3.24 16.85
CA VAL A 198 7.73 -3.74 15.77
C VAL A 198 8.92 -4.53 16.33
N SER A 199 9.42 -4.17 17.51
CA SER A 199 10.46 -4.98 18.14
C SER A 199 9.94 -6.35 18.53
N VAL A 200 8.72 -6.42 19.06
CA VAL A 200 8.09 -7.70 19.35
C VAL A 200 7.93 -8.50 18.07
N ALA A 201 7.58 -7.83 16.98
CA ALA A 201 7.48 -8.51 15.68
C ALA A 201 8.82 -9.09 15.26
N PHE A 202 9.91 -8.33 15.44
CA PHE A 202 11.23 -8.84 15.12
C PHE A 202 11.58 -10.05 15.97
N ALA A 203 11.27 -9.99 17.27
CA ALA A 203 11.54 -11.12 18.15
C ALA A 203 10.78 -12.36 17.72
N VAL A 204 9.51 -12.19 17.32
CA VAL A 204 8.73 -13.31 16.80
C VAL A 204 9.34 -13.84 15.51
N ALA A 205 9.77 -12.94 14.63
CA ALA A 205 10.31 -13.36 13.33
C ALA A 205 11.63 -14.10 13.48
N TRP A 206 12.38 -13.82 14.55
CA TRP A 206 13.69 -14.45 14.68
C TRP A 206 13.64 -15.97 14.83
N PHE A 207 12.50 -16.53 15.26
CA PHE A 207 12.42 -17.97 15.49
C PHE A 207 11.46 -18.62 14.50
N LEU A 208 11.18 -17.96 13.38
CA LEU A 208 10.38 -18.56 12.33
C LEU A 208 11.06 -19.82 11.80
N PRO A 209 10.31 -20.87 11.50
CA PRO A 209 10.93 -22.07 10.93
C PRO A 209 11.56 -21.78 9.57
N MET A 210 12.71 -22.39 9.33
CA MET A 210 13.41 -22.10 8.09
C MET A 210 12.73 -22.79 6.91
N PRO A 211 12.73 -22.15 5.74
CA PRO A 211 12.19 -22.78 4.52
C PRO A 211 13.15 -23.81 3.92
N GLN A 212 13.09 -25.03 4.46
CA GLN A 212 13.90 -26.11 3.92
C GLN A 212 13.51 -26.43 2.49
N LYS A 213 12.22 -26.38 2.17
CA LYS A 213 11.76 -26.58 0.81
C LYS A 213 11.76 -25.25 0.05
N VAL A 278 18.38 -18.55 -18.89
CA VAL A 278 17.31 -18.55 -17.91
C VAL A 278 16.62 -17.20 -17.88
N LEU A 279 17.43 -16.12 -17.82
CA LEU A 279 16.87 -14.78 -17.81
C LEU A 279 16.14 -14.47 -19.11
N LYS A 280 16.72 -14.85 -20.24
CA LYS A 280 16.04 -14.70 -21.52
C LYS A 280 14.79 -15.57 -21.59
N VAL A 281 14.88 -16.81 -21.09
CA VAL A 281 13.73 -17.70 -21.09
C VAL A 281 12.64 -17.17 -20.16
N LEU A 282 13.03 -16.66 -18.99
CA LEU A 282 12.06 -16.05 -18.08
C LEU A 282 11.43 -14.82 -18.73
N TRP A 283 12.25 -14.00 -19.41
CA TRP A 283 11.70 -12.88 -20.16
C TRP A 283 10.82 -13.37 -21.30
N ASN A 284 11.21 -14.46 -21.96
CA ASN A 284 10.34 -15.08 -22.96
C ASN A 284 9.06 -15.59 -22.32
N ASP A 285 9.16 -16.19 -21.13
CA ASP A 285 7.95 -16.56 -20.39
C ASP A 285 7.20 -15.32 -19.91
N PHE A 286 7.91 -14.24 -19.59
CA PHE A 286 7.24 -12.98 -19.27
C PHE A 286 6.50 -12.45 -20.47
N LEU A 287 7.04 -12.65 -21.68
CA LEU A 287 6.30 -12.33 -22.89
C LEU A 287 5.05 -13.19 -23.01
N MET A 288 5.17 -14.48 -22.68
CA MET A 288 4.01 -15.36 -22.67
C MET A 288 3.03 -15.01 -21.57
N CYS A 289 3.48 -14.31 -20.52
CA CYS A 289 2.57 -13.85 -19.47
C CYS A 289 1.58 -12.81 -20.00
N TYR A 290 1.85 -12.23 -21.16
CA TYR A 290 0.93 -11.29 -21.80
C TYR A 290 0.67 -11.64 -23.26
N SER A 291 1.07 -12.82 -23.72
CA SER A 291 0.89 -13.22 -25.11
C SER A 291 -0.43 -13.96 -25.30
N SER A 292 -1.52 -13.35 -24.84
CA SER A 292 -2.86 -13.89 -25.01
C SER A 292 -3.86 -12.75 -24.79
N ARG A 293 -5.11 -13.02 -25.16
CA ARG A 293 -6.15 -12.02 -25.00
C ARG A 293 -6.36 -11.62 -23.55
N PRO A 294 -6.51 -12.54 -22.60
CA PRO A 294 -6.74 -12.13 -21.21
C PRO A 294 -5.43 -12.03 -20.42
N LEU A 295 -4.34 -12.55 -20.98
CA LEU A 295 -3.07 -12.53 -20.29
C LEU A 295 -2.57 -11.10 -20.06
N LEU A 296 -2.70 -10.25 -21.08
CA LEU A 296 -2.32 -8.85 -20.92
C LEU A 296 -3.33 -8.10 -20.06
N CYS A 297 -4.59 -8.51 -20.08
CA CYS A 297 -5.65 -7.74 -19.44
C CYS A 297 -5.49 -7.72 -17.92
N TRP A 298 -6.02 -6.66 -17.33
CA TRP A 298 -6.07 -6.37 -15.90
C TRP A 298 -4.69 -6.03 -15.34
N SER A 299 -3.63 -6.21 -16.13
CA SER A 299 -2.28 -6.07 -15.60
C SER A 299 -1.86 -4.61 -15.45
N VAL A 300 -1.87 -3.86 -16.56
CA VAL A 300 -1.43 -2.47 -16.49
C VAL A 300 -2.41 -1.63 -15.67
N TRP A 301 -3.70 -1.99 -15.69
CA TRP A 301 -4.66 -1.32 -14.82
C TRP A 301 -4.46 -1.65 -13.34
N TRP A 302 -4.09 -2.90 -13.01
CA TRP A 302 -3.70 -3.16 -11.63
C TRP A 302 -2.50 -2.31 -11.24
N ALA A 303 -1.49 -2.25 -12.09
CA ALA A 303 -0.29 -1.49 -11.78
C ALA A 303 -0.58 -0.01 -11.62
N LEU A 304 -1.39 0.55 -12.53
CA LEU A 304 -1.62 1.99 -12.53
C LEU A 304 -2.56 2.39 -11.40
N SER A 305 -3.56 1.55 -11.09
CA SER A 305 -4.40 1.80 -9.92
C SER A 305 -3.59 1.70 -8.63
N THR A 306 -2.66 0.74 -8.56
CA THR A 306 -1.77 0.64 -7.41
C THR A 306 -0.91 1.89 -7.28
N CYS A 307 -0.43 2.40 -8.42
CA CYS A 307 0.29 3.67 -8.45
C CYS A 307 -0.54 4.79 -7.83
N GLY A 308 -1.79 4.93 -8.29
CA GLY A 308 -2.63 5.99 -7.76
C GLY A 308 -2.88 5.85 -6.28
N TYR A 309 -3.21 4.64 -5.84
CA TYR A 309 -3.42 4.38 -4.41
C TYR A 309 -2.19 4.76 -3.60
N PHE A 310 -1.02 4.26 -4.00
CA PHE A 310 0.20 4.48 -3.24
C PHE A 310 0.52 5.96 -3.16
N GLN A 311 0.32 6.70 -4.23
CA GLN A 311 0.71 8.09 -4.21
C GLN A 311 -0.35 9.00 -3.60
N VAL A 312 -1.58 8.53 -3.41
CA VAL A 312 -2.57 9.41 -2.77
C VAL A 312 -2.71 9.12 -1.29
N VAL A 313 -2.44 7.89 -0.83
CA VAL A 313 -2.69 7.56 0.58
C VAL A 313 -1.83 8.41 1.50
N ASN A 314 -0.56 8.58 1.16
CA ASN A 314 0.37 9.27 2.04
C ASN A 314 0.18 10.79 2.02
N TYR A 315 -0.15 11.36 0.86
CA TYR A 315 -0.41 12.80 0.84
C TYR A 315 -1.82 13.12 1.27
N THR A 316 -2.67 12.10 1.46
CA THR A 316 -3.97 12.35 2.08
C THR A 316 -3.82 12.80 3.52
N GLN A 317 -2.78 12.31 4.21
CA GLN A 317 -2.43 12.83 5.53
C GLN A 317 -2.18 14.32 5.46
N GLY A 318 -1.41 14.76 4.46
CA GLY A 318 -1.14 16.18 4.33
C GLY A 318 -2.37 16.99 3.98
N LEU A 319 -3.26 16.42 3.16
CA LEU A 319 -4.51 17.12 2.87
C LEU A 319 -5.33 17.30 4.14
N TRP A 320 -5.44 16.26 4.97
CA TRP A 320 -6.17 16.40 6.23
C TRP A 320 -5.51 17.42 7.14
N GLU A 321 -4.18 17.46 7.18
CA GLU A 321 -3.49 18.45 7.97
C GLU A 321 -3.77 19.87 7.46
N LYS A 322 -3.78 20.04 6.14
CA LYS A 322 -4.04 21.35 5.56
C LYS A 322 -5.47 21.81 5.85
N VAL A 323 -6.44 20.92 5.71
CA VAL A 323 -7.83 21.29 5.97
C VAL A 323 -8.03 21.57 7.46
N MET A 324 -7.53 20.68 8.32
CA MET A 324 -7.63 20.83 9.77
C MET A 324 -6.23 20.83 10.37
N PRO A 325 -5.70 21.99 10.76
CA PRO A 325 -4.35 22.01 11.36
C PRO A 325 -4.35 21.33 12.71
N SER A 326 -3.20 20.72 13.03
CA SER A 326 -3.03 19.99 14.28
C SER A 326 -2.49 20.86 15.41
N ARG A 327 -2.31 22.16 15.17
CA ARG A 327 -1.73 23.03 16.19
C ARG A 327 -2.62 23.15 17.42
N TYR A 328 -3.93 23.32 17.20
CA TYR A 328 -4.86 23.49 18.32
C TYR A 328 -6.17 22.74 18.13
N ALA A 329 -6.18 21.71 17.28
CA ALA A 329 -7.38 20.94 17.01
C ALA A 329 -7.08 19.46 17.08
N ALA A 330 -8.05 18.69 17.58
CA ALA A 330 -7.91 17.24 17.69
C ALA A 330 -8.27 16.60 16.37
N ILE A 331 -7.38 15.73 15.87
CA ILE A 331 -7.53 15.10 14.56
C ILE A 331 -7.84 13.62 14.77
N TYR A 332 -8.92 13.16 14.14
CA TYR A 332 -9.42 11.79 14.34
C TYR A 332 -9.01 10.89 13.17
N ASN A 333 -7.70 10.67 13.02
CA ASN A 333 -7.23 9.78 11.97
C ASN A 333 -7.53 8.32 12.27
N GLY A 334 -7.28 7.90 13.52
CA GLY A 334 -7.26 6.48 13.83
C GLY A 334 -8.55 5.75 13.49
N GLY A 335 -9.69 6.36 13.81
CA GLY A 335 -10.95 5.76 13.43
C GLY A 335 -11.08 5.61 11.93
N VAL A 336 -10.54 6.55 11.16
CA VAL A 336 -10.67 6.51 9.71
C VAL A 336 -9.77 5.43 9.11
N GLU A 337 -8.51 5.36 9.54
CA GLU A 337 -7.66 4.27 9.05
C GLU A 337 -8.10 2.92 9.59
N ALA A 338 -8.93 2.90 10.63
CA ALA A 338 -9.53 1.64 11.06
C ALA A 338 -10.69 1.23 10.16
N VAL A 339 -11.66 2.13 9.96
CA VAL A 339 -12.85 1.81 9.19
C VAL A 339 -12.50 1.57 7.74
N SER A 340 -11.48 2.27 7.20
CA SER A 340 -11.07 2.06 5.83
C SER A 340 -10.59 0.64 5.60
N THR A 341 -9.68 0.16 6.47
CA THR A 341 -9.18 -1.20 6.35
C THR A 341 -10.29 -2.22 6.60
N LEU A 342 -11.17 -1.94 7.56
CA LEU A 342 -12.24 -2.88 7.88
C LEU A 342 -13.19 -3.06 6.70
N LEU A 343 -13.67 -1.95 6.14
CA LEU A 343 -14.56 -2.03 4.98
C LEU A 343 -13.82 -2.52 3.75
N GLY A 344 -12.51 -2.30 3.65
CA GLY A 344 -11.75 -2.91 2.57
C GLY A 344 -11.73 -4.42 2.66
N ALA A 345 -11.54 -4.96 3.86
CA ALA A 345 -11.62 -6.40 4.06
C ALA A 345 -13.03 -6.91 3.74
N VAL A 346 -14.05 -6.17 4.15
CA VAL A 346 -15.43 -6.55 3.85
C VAL A 346 -15.65 -6.60 2.34
N ALA A 347 -15.17 -5.59 1.63
CA ALA A 347 -15.31 -5.55 0.18
C ALA A 347 -14.53 -6.67 -0.49
N VAL A 348 -13.35 -7.00 0.05
CA VAL A 348 -12.56 -8.10 -0.48
C VAL A 348 -13.35 -9.41 -0.35
N PHE A 349 -14.00 -9.60 0.80
CA PHE A 349 -14.84 -10.78 0.99
C PHE A 349 -16.03 -10.78 0.03
N ALA A 350 -16.66 -9.62 -0.15
CA ALA A 350 -17.87 -9.54 -0.96
C ALA A 350 -17.58 -9.61 -2.46
N VAL A 351 -16.33 -9.39 -2.86
CA VAL A 351 -16.00 -9.41 -4.29
C VAL A 351 -16.22 -10.80 -4.88
N GLY A 352 -15.90 -11.84 -4.10
CA GLY A 352 -16.05 -13.20 -4.59
C GLY A 352 -17.46 -13.74 -4.58
N TYR A 353 -18.41 -13.01 -3.99
CA TYR A 353 -19.79 -13.45 -3.90
C TYR A 353 -20.66 -12.90 -5.03
N ILE A 354 -20.08 -12.16 -5.97
CA ILE A 354 -20.84 -11.56 -7.06
C ILE A 354 -20.82 -12.50 -8.25
N LYS A 355 -22.01 -12.90 -8.71
CA LYS A 355 -22.15 -13.81 -9.84
C LYS A 355 -22.06 -13.01 -11.15
N ILE A 356 -20.84 -12.59 -11.47
CA ILE A 356 -20.55 -11.83 -12.67
C ILE A 356 -19.36 -12.46 -13.38
N SER A 357 -19.47 -12.62 -14.69
CA SER A 357 -18.39 -13.14 -15.50
C SER A 357 -17.48 -12.01 -15.96
N TRP A 358 -16.21 -12.34 -16.18
CA TRP A 358 -15.24 -11.32 -16.57
C TRP A 358 -15.55 -10.78 -17.97
N SER A 359 -15.73 -11.68 -18.94
CA SER A 359 -15.88 -11.27 -20.34
C SER A 359 -17.13 -10.45 -20.59
N THR A 360 -18.11 -10.49 -19.69
CA THR A 360 -19.35 -9.75 -19.92
C THR A 360 -19.15 -8.26 -19.73
N TRP A 361 -18.83 -7.83 -18.50
CA TRP A 361 -18.65 -6.42 -18.23
C TRP A 361 -17.56 -6.14 -17.20
N GLY A 362 -16.52 -6.98 -17.13
CA GLY A 362 -15.51 -6.79 -16.11
C GLY A 362 -14.79 -5.46 -16.24
N GLU A 363 -14.32 -5.14 -17.45
CA GLU A 363 -13.63 -3.88 -17.69
C GLU A 363 -14.57 -2.69 -17.54
N MET A 364 -15.84 -2.85 -17.93
CA MET A 364 -16.81 -1.78 -17.74
C MET A 364 -17.01 -1.46 -16.27
N THR A 365 -17.17 -2.50 -15.44
CA THR A 365 -17.32 -2.28 -14.00
C THR A 365 -16.06 -1.69 -13.40
N LEU A 366 -14.88 -2.14 -13.85
CA LEU A 366 -13.65 -1.56 -13.34
C LEU A 366 -13.54 -0.09 -13.72
N SER A 367 -13.95 0.27 -14.94
CA SER A 367 -13.93 1.66 -15.36
C SER A 367 -14.90 2.51 -14.55
N LEU A 368 -16.09 1.96 -14.26
CA LEU A 368 -17.03 2.69 -13.41
C LEU A 368 -16.47 2.89 -12.01
N PHE A 369 -15.83 1.87 -11.46
CA PHE A 369 -15.20 1.99 -10.15
C PHE A 369 -14.08 3.03 -10.17
N SER A 370 -13.30 3.06 -11.25
CA SER A 370 -12.23 4.05 -11.37
C SER A 370 -12.78 5.46 -11.47
N LEU A 371 -13.88 5.64 -12.21
CA LEU A 371 -14.50 6.95 -12.28
C LEU A 371 -15.04 7.38 -10.92
N LEU A 372 -15.61 6.45 -10.17
CA LEU A 372 -16.04 6.75 -8.81
C LEU A 372 -14.86 7.12 -7.93
N ILE A 373 -13.72 6.44 -8.10
CA ILE A 373 -12.51 6.80 -7.35
C ILE A 373 -12.07 8.22 -7.69
N ALA A 374 -12.10 8.56 -8.98
CA ALA A 374 -11.72 9.92 -9.40
C ALA A 374 -12.67 10.95 -8.81
N ALA A 375 -13.97 10.66 -8.80
CA ALA A 375 -14.94 11.57 -8.21
C ALA A 375 -14.69 11.75 -6.72
N ALA A 376 -14.37 10.65 -6.03
CA ALA A 376 -14.07 10.74 -4.61
C ALA A 376 -12.81 11.58 -4.35
N VAL A 377 -11.78 11.40 -5.18
CA VAL A 377 -10.53 12.16 -5.01
C VAL A 377 -10.79 13.65 -5.24
N TYR A 378 -11.53 13.98 -6.31
CA TYR A 378 -11.85 15.37 -6.59
C TYR A 378 -12.69 15.99 -5.47
N ILE A 379 -13.66 15.22 -4.96
CA ILE A 379 -14.49 15.70 -3.86
C ILE A 379 -13.62 15.95 -2.62
N MET A 380 -12.77 14.99 -2.27
CA MET A 380 -11.89 15.15 -1.12
C MET A 380 -10.97 16.35 -1.27
N ASP A 381 -10.56 16.65 -2.50
CA ASP A 381 -9.69 17.80 -2.73
C ASP A 381 -10.44 19.12 -2.66
N THR A 382 -11.72 19.14 -3.05
CA THR A 382 -12.39 20.41 -3.29
C THR A 382 -13.51 20.77 -2.32
N VAL A 383 -13.94 19.87 -1.44
CA VAL A 383 -15.07 20.21 -0.56
C VAL A 383 -14.67 21.26 0.47
N GLY A 384 -13.48 21.13 1.05
CA GLY A 384 -13.08 22.02 2.12
C GLY A 384 -13.66 21.68 3.46
N ASN A 385 -14.27 20.50 3.61
CA ASN A 385 -14.78 20.03 4.89
C ASN A 385 -14.08 18.72 5.24
N ILE A 386 -13.80 18.54 6.53
CA ILE A 386 -12.85 17.50 6.93
C ILE A 386 -13.55 16.14 7.07
N TRP A 387 -14.73 16.11 7.68
CA TRP A 387 -15.42 14.83 7.88
C TRP A 387 -15.82 14.20 6.55
N VAL A 388 -16.34 15.01 5.64
CA VAL A 388 -16.73 14.47 4.33
C VAL A 388 -15.50 14.04 3.53
N CYS A 389 -14.34 14.67 3.75
CA CYS A 389 -13.17 14.21 3.02
C CYS A 389 -12.61 12.91 3.61
N TYR A 390 -12.72 12.71 4.93
CA TYR A 390 -12.43 11.37 5.45
C TYR A 390 -13.38 10.34 4.86
N ALA A 391 -14.67 10.70 4.75
CA ALA A 391 -15.64 9.76 4.19
C ALA A 391 -15.32 9.41 2.75
N SER A 392 -14.92 10.41 1.95
CA SER A 392 -14.53 10.17 0.58
C SER A 392 -13.26 9.34 0.51
N TYR A 393 -12.34 9.53 1.46
CA TYR A 393 -11.17 8.66 1.53
C TYR A 393 -11.57 7.23 1.81
N VAL A 394 -12.55 7.02 2.69
CA VAL A 394 -13.04 5.67 2.97
C VAL A 394 -13.66 5.05 1.73
N VAL A 395 -14.43 5.85 0.99
CA VAL A 395 -15.02 5.37 -0.27
C VAL A 395 -13.92 4.98 -1.26
N PHE A 396 -12.87 5.81 -1.35
CA PHE A 396 -11.71 5.45 -2.15
C PHE A 396 -11.14 4.10 -1.73
N ARG A 397 -10.96 3.91 -0.43
CA ARG A 397 -10.40 2.65 0.06
C ARG A 397 -11.26 1.47 -0.36
N ILE A 398 -12.57 1.58 -0.17
CA ILE A 398 -13.48 0.47 -0.47
C ILE A 398 -13.43 0.15 -1.96
N ILE A 399 -13.54 1.18 -2.81
CA ILE A 399 -13.60 0.94 -4.24
C ILE A 399 -12.26 0.43 -4.75
N TYR A 400 -11.15 0.94 -4.21
CA TYR A 400 -9.84 0.44 -4.59
C TYR A 400 -9.67 -1.02 -4.20
N MET A 401 -10.14 -1.41 -3.01
CA MET A 401 -10.05 -2.81 -2.62
C MET A 401 -10.88 -3.70 -3.53
N LEU A 402 -12.08 -3.25 -3.89
CA LEU A 402 -12.90 -4.02 -4.83
C LEU A 402 -12.19 -4.20 -6.17
N LEU A 403 -11.63 -3.10 -6.69
CA LEU A 403 -10.94 -3.14 -7.98
C LEU A 403 -9.72 -4.05 -7.91
N ILE A 404 -8.95 -3.96 -6.83
CA ILE A 404 -7.76 -4.79 -6.70
C ILE A 404 -8.13 -6.26 -6.57
N THR A 405 -9.19 -6.55 -5.82
CA THR A 405 -9.60 -7.95 -5.67
C THR A 405 -10.02 -8.54 -7.01
N ILE A 406 -10.81 -7.80 -7.79
CA ILE A 406 -11.23 -8.35 -9.08
C ILE A 406 -10.03 -8.47 -10.02
N ALA A 407 -9.13 -7.47 -10.01
CA ALA A 407 -7.97 -7.51 -10.89
C ALA A 407 -7.04 -8.66 -10.55
N THR A 408 -6.77 -8.86 -9.25
CA THR A 408 -5.86 -9.93 -8.86
C THR A 408 -6.51 -11.30 -9.02
N PHE A 409 -7.83 -11.39 -8.90
CA PHE A 409 -8.51 -12.65 -9.21
C PHE A 409 -8.33 -13.00 -10.68
N GLN A 410 -8.53 -12.01 -11.56
CA GLN A 410 -8.34 -12.26 -12.99
C GLN A 410 -6.88 -12.60 -13.32
N ILE A 411 -5.94 -11.90 -12.68
CA ILE A 411 -4.52 -12.17 -12.93
C ILE A 411 -4.15 -13.57 -12.47
N ALA A 412 -4.61 -13.96 -11.27
CA ALA A 412 -4.33 -15.30 -10.76
C ALA A 412 -4.96 -16.37 -11.63
N ALA A 413 -6.15 -16.10 -12.16
CA ALA A 413 -6.75 -17.03 -13.12
C ALA A 413 -5.90 -17.13 -14.38
N ASN A 414 -5.34 -16.01 -14.83
CA ASN A 414 -4.53 -16.01 -16.05
C ASN A 414 -3.21 -16.73 -15.86
N LEU A 415 -2.55 -16.52 -14.72
CA LEU A 415 -1.21 -17.03 -14.48
C LEU A 415 -1.25 -18.31 -13.66
N SER A 416 -0.10 -18.97 -13.57
CA SER A 416 0.05 -20.18 -12.79
C SER A 416 0.41 -19.85 -11.35
N MET A 417 0.26 -20.85 -10.47
CA MET A 417 0.53 -20.64 -9.06
C MET A 417 2.02 -20.44 -8.78
N GLU A 418 2.89 -20.96 -9.64
CA GLU A 418 4.32 -20.83 -9.44
C GLU A 418 4.83 -19.43 -9.72
N ARG A 419 4.05 -18.61 -10.42
CA ARG A 419 4.48 -17.26 -10.80
C ARG A 419 3.69 -16.17 -10.10
N TYR A 420 2.96 -16.50 -9.02
CA TYR A 420 2.20 -15.48 -8.30
C TYR A 420 3.11 -14.38 -7.78
N ALA A 421 4.20 -14.76 -7.10
CA ALA A 421 5.13 -13.77 -6.58
C ALA A 421 5.82 -13.02 -7.70
N LEU A 422 6.15 -13.70 -8.80
CA LEU A 422 6.83 -13.04 -9.91
C LEU A 422 5.95 -11.94 -10.52
N VAL A 423 4.68 -12.26 -10.78
CA VAL A 423 3.80 -11.26 -11.38
C VAL A 423 3.50 -10.15 -10.37
N PHE A 424 3.23 -10.50 -9.11
CA PHE A 424 2.98 -9.48 -8.09
C PHE A 424 4.21 -8.62 -7.82
N GLY A 425 5.39 -9.07 -8.22
CA GLY A 425 6.58 -8.26 -8.13
C GLY A 425 6.77 -7.38 -9.34
N VAL A 426 6.56 -7.93 -10.54
CA VAL A 426 6.77 -7.16 -11.77
C VAL A 426 5.77 -6.02 -11.88
N ASN A 427 4.49 -6.30 -11.58
CA ASN A 427 3.49 -5.23 -11.70
C ASN A 427 3.71 -4.15 -10.65
N THR A 428 4.12 -4.54 -9.44
CA THR A 428 4.47 -3.55 -8.43
C THR A 428 5.70 -2.75 -8.84
N PHE A 429 6.65 -3.40 -9.50
CA PHE A 429 7.85 -2.71 -9.99
C PHE A 429 7.47 -1.64 -11.00
N ILE A 430 6.61 -1.98 -11.97
CA ILE A 430 6.23 -0.99 -12.97
C ILE A 430 5.32 0.07 -12.35
N ALA A 431 4.52 -0.30 -11.35
CA ALA A 431 3.70 0.68 -10.64
C ALA A 431 4.56 1.71 -9.93
N LEU A 432 5.61 1.26 -9.23
CA LEU A 432 6.52 2.19 -8.58
C LEU A 432 7.33 2.99 -9.59
N ALA A 433 7.67 2.39 -10.73
CA ALA A 433 8.36 3.16 -11.77
C ALA A 433 7.50 4.32 -12.26
N LEU A 434 6.23 4.06 -12.56
CA LEU A 434 5.35 5.14 -13.02
C LEU A 434 5.09 6.14 -11.90
N GLN A 435 4.95 5.65 -10.66
CA GLN A 435 4.73 6.56 -9.54
C GLN A 435 5.93 7.48 -9.32
N THR A 436 7.14 6.94 -9.43
CA THR A 436 8.33 7.77 -9.31
C THR A 436 8.44 8.76 -10.46
N LEU A 437 8.09 8.34 -11.67
CA LEU A 437 8.07 9.27 -12.79
C LEU A 437 7.14 10.44 -12.50
N LEU A 438 5.90 10.15 -12.11
CA LEU A 438 4.94 11.22 -11.85
C LEU A 438 5.35 12.03 -10.62
N THR A 439 6.05 11.41 -9.68
CA THR A 439 6.51 12.12 -8.48
C THR A 439 7.60 13.12 -8.81
N LEU A 440 8.56 12.74 -9.65
CA LEU A 440 9.52 13.73 -10.14
C LEU A 440 8.84 14.79 -10.99
N ILE A 441 7.75 14.45 -11.67
CA ILE A 441 7.07 15.47 -12.48
C ILE A 441 6.40 16.52 -11.60
N VAL A 442 5.63 16.10 -10.59
CA VAL A 442 4.73 17.03 -9.90
C VAL A 442 5.03 17.25 -8.42
N VAL A 443 5.75 16.34 -7.76
CA VAL A 443 5.90 16.35 -6.32
C VAL A 443 7.29 16.83 -5.89
N ASP A 444 8.33 16.29 -6.52
CA ASP A 444 9.70 16.50 -6.05
C ASP A 444 10.09 17.97 -6.12
N ALA A 445 10.79 18.43 -5.08
CA ALA A 445 11.22 19.83 -5.03
C ALA A 445 12.19 20.15 -6.15
N SER A 446 13.10 19.22 -6.47
CA SER A 446 13.99 19.42 -7.60
C SER A 446 13.25 19.43 -8.93
N GLY A 447 12.05 18.86 -8.98
CA GLY A 447 11.22 18.91 -10.17
C GLY A 447 10.37 20.15 -10.21
N LEU A 448 9.06 20.00 -10.37
CA LEU A 448 8.16 21.14 -10.35
C LEU A 448 7.67 21.47 -8.94
N GLY A 449 7.58 20.47 -8.07
CA GLY A 449 7.24 20.70 -6.68
C GLY A 449 5.90 21.36 -6.47
N LEU A 450 4.87 20.88 -7.15
CA LEU A 450 3.55 21.49 -7.05
C LEU A 450 3.00 21.32 -5.64
N GLU A 451 2.17 22.28 -5.23
CA GLU A 451 1.59 22.26 -3.89
C GLU A 451 0.72 21.03 -3.69
N ILE A 452 0.54 20.66 -2.43
CA ILE A 452 -0.23 19.45 -2.12
C ILE A 452 -1.69 19.61 -2.50
N THR A 453 -2.24 20.82 -2.34
CA THR A 453 -3.61 21.06 -2.73
C THR A 453 -3.79 21.05 -4.24
N THR A 454 -2.71 21.21 -5.00
CA THR A 454 -2.78 21.21 -6.45
C THR A 454 -2.58 19.82 -7.04
N GLN A 455 -1.65 19.04 -6.49
CA GLN A 455 -1.38 17.71 -7.03
C GLN A 455 -2.57 16.77 -6.90
N PHE A 456 -3.46 17.01 -5.94
CA PHE A 456 -4.67 16.22 -5.83
C PHE A 456 -5.66 16.51 -6.96
N LEU A 457 -5.59 17.70 -7.55
CA LEU A 457 -6.36 17.95 -8.78
C LEU A 457 -5.85 17.08 -9.91
N ILE A 458 -4.53 16.88 -10.01
CA ILE A 458 -3.99 15.94 -10.99
C ILE A 458 -4.43 14.52 -10.67
N TYR A 459 -4.39 14.13 -9.39
CA TYR A 459 -4.75 12.77 -9.01
C TYR A 459 -6.20 12.46 -9.36
N ALA A 460 -7.10 13.42 -9.14
CA ALA A 460 -8.48 13.24 -9.59
C ALA A 460 -8.55 13.09 -11.10
N SER A 461 -7.82 13.94 -11.83
CA SER A 461 -7.77 13.80 -13.28
C SER A 461 -6.98 12.57 -13.71
N TYR A 462 -6.01 12.16 -12.89
CA TYR A 462 -5.26 10.95 -13.20
C TYR A 462 -6.14 9.71 -13.15
N PHE A 463 -6.98 9.59 -12.11
CA PHE A 463 -7.97 8.51 -12.12
C PHE A 463 -9.07 8.74 -13.15
N ALA A 464 -9.33 9.99 -13.51
CA ALA A 464 -10.22 10.24 -14.64
C ALA A 464 -9.58 9.86 -15.96
N LEU A 465 -8.24 9.88 -16.02
CA LEU A 465 -7.55 9.46 -17.23
C LEU A 465 -7.58 7.94 -17.40
N ILE A 466 -7.36 7.19 -16.32
CA ILE A 466 -7.51 5.75 -16.40
C ILE A 466 -8.98 5.39 -16.59
N ALA A 467 -9.89 6.24 -16.14
CA ALA A 467 -11.31 5.98 -16.37
C ALA A 467 -11.63 5.94 -17.85
N VAL A 468 -11.07 6.87 -18.62
CA VAL A 468 -11.36 6.94 -20.04
C VAL A 468 -10.75 5.76 -20.79
N VAL A 469 -9.49 5.43 -20.51
CA VAL A 469 -8.82 4.38 -21.26
C VAL A 469 -9.43 3.01 -20.93
N PHE A 470 -9.82 2.79 -19.67
CA PHE A 470 -10.53 1.57 -19.33
C PHE A 470 -11.89 1.52 -20.02
N LEU A 471 -12.58 2.66 -20.08
CA LEU A 471 -13.82 2.73 -20.83
C LEU A 471 -13.58 2.51 -22.32
N ALA A 472 -12.50 3.10 -22.86
CA ALA A 472 -12.17 2.92 -24.27
C ALA A 472 -11.78 1.47 -24.57
N SER A 473 -10.95 0.87 -23.71
CA SER A 473 -10.65 -0.54 -23.85
C SER A 473 -11.87 -1.40 -23.56
N GLY A 474 -12.72 -0.98 -22.61
CA GLY A 474 -13.99 -1.65 -22.42
C GLY A 474 -14.90 -1.53 -23.62
N ALA A 475 -14.94 -0.34 -24.23
CA ALA A 475 -15.70 -0.18 -25.46
C ALA A 475 -15.05 -0.90 -26.63
N VAL A 476 -13.74 -1.14 -26.56
CA VAL A 476 -13.06 -1.92 -27.59
C VAL A 476 -13.60 -3.35 -27.60
N SER A 477 -13.78 -3.93 -26.42
CA SER A 477 -14.40 -5.26 -26.35
C SER A 477 -15.86 -5.23 -26.76
N VAL A 478 -16.54 -4.09 -26.54
CA VAL A 478 -17.94 -3.97 -26.95
C VAL A 478 -18.05 -4.04 -28.47
N MET A 479 -17.14 -3.37 -29.18
CA MET A 479 -17.13 -3.45 -30.63
C MET A 479 -16.87 -4.88 -31.10
N LYS A 480 -15.94 -5.58 -30.43
CA LYS A 480 -15.75 -6.99 -30.71
C LYS A 480 -16.96 -7.81 -30.29
N LYS A 481 -17.64 -7.41 -29.21
CA LYS A 481 -18.85 -8.10 -28.79
C LYS A 481 -20.01 -7.90 -29.77
N CYS A 482 -19.94 -6.86 -30.60
CA CYS A 482 -21.00 -6.64 -31.60
C CYS A 482 -21.08 -7.80 -32.59
N ARG A 483 -19.92 -8.30 -33.03
CA ARG A 483 -19.89 -9.42 -33.96
C ARG A 483 -20.34 -10.72 -33.29
#